data_2ZIG
#
_entry.id   2ZIG
#
_cell.length_a   63.461
_cell.length_b   58.435
_cell.length_c   81.201
_cell.angle_alpha   90.000
_cell.angle_beta   105.900
_cell.angle_gamma   90.000
#
_symmetry.space_group_name_H-M   'P 1 21 1'
#
loop_
_entity.id
_entity.type
_entity.pdbx_description
1 polymer 'Putative modification methylase'
2 water water
#
_entity_poly.entity_id   1
_entity_poly.type   'polypeptide(L)'
_entity_poly.pdbx_seq_one_letter_code
;MRSFPKAKEAFSEGEKVSFGVHRLHVGDAREVLASFPEASVHLVVTSPPYWTLKRYEDTPGQLGHIEDYEAFLDELDRVW
REVFRLLVPGGRLVIVVGDVAVARRRFGRHLVFPLHADIQVRCRKLGFDNLNPIIWHKHTNASLEVEGRGVFLGKPYEPG
AIIKTEIEYILMQRKPGGYRKPTQEQREKSRLPKEDFHRFFRQIWDDIPGESTKDHPAPFPLELAERLVRMFSFVGDVVL
DPFAGTGTTLIAAARWGRRALGVELVPRYAQLAKERFAREVPGFSLEVLDGATHPRR
;
_entity_poly.pdbx_strand_id   A,B
#
# COMPACT_ATOMS: atom_id res chain seq x y z
N VAL A 21 30.29 -15.31 13.91
CA VAL A 21 30.98 -14.17 13.25
C VAL A 21 29.97 -13.26 12.53
N HIS A 22 29.72 -12.10 13.13
CA HIS A 22 28.82 -11.13 12.53
C HIS A 22 29.69 -10.24 11.65
N ARG A 23 29.30 -10.08 10.39
CA ARG A 23 30.08 -9.31 9.43
C ARG A 23 29.36 -8.16 8.72
N LEU A 24 30.04 -7.02 8.62
CA LEU A 24 29.51 -5.87 7.92
C LEU A 24 30.53 -5.50 6.83
N HIS A 25 30.13 -5.60 5.58
CA HIS A 25 31.04 -5.29 4.49
C HIS A 25 30.83 -3.90 3.90
N VAL A 26 31.93 -3.23 3.59
CA VAL A 26 31.89 -1.89 3.00
C VAL A 26 32.03 -2.05 1.49
N GLY A 27 31.16 -1.37 0.75
CA GLY A 27 31.21 -1.46 -0.70
C GLY A 27 29.84 -1.24 -1.31
N ASP A 28 29.71 -1.51 -2.60
CA ASP A 28 28.45 -1.35 -3.29
C ASP A 28 27.57 -2.57 -3.01
N ALA A 29 26.40 -2.33 -2.40
CA ALA A 29 25.48 -3.41 -2.06
C ALA A 29 25.38 -4.44 -3.19
N ARG A 30 25.14 -3.96 -4.41
CA ARG A 30 25.03 -4.83 -5.57
C ARG A 30 26.26 -5.72 -5.78
N GLU A 31 27.43 -5.09 -5.87
CA GLU A 31 28.67 -5.82 -6.09
C GLU A 31 29.02 -6.77 -4.95
N VAL A 32 28.81 -6.31 -3.72
CA VAL A 32 29.11 -7.14 -2.55
C VAL A 32 28.20 -8.36 -2.52
N LEU A 33 26.89 -8.16 -2.62
CA LEU A 33 25.96 -9.27 -2.61
C LEU A 33 26.27 -10.23 -3.72
N ALA A 34 26.66 -9.68 -4.86
CA ALA A 34 26.99 -10.48 -6.04
C ALA A 34 28.17 -11.41 -5.79
N SER A 35 28.88 -11.22 -4.68
CA SER A 35 30.02 -12.06 -4.38
C SER A 35 29.67 -13.19 -3.42
N PHE A 36 28.44 -13.18 -2.92
CA PHE A 36 28.02 -14.22 -1.97
C PHE A 36 27.37 -15.42 -2.65
N PRO A 37 27.50 -16.60 -2.04
CA PRO A 37 26.93 -17.85 -2.58
C PRO A 37 25.40 -17.87 -2.55
N GLU A 38 24.82 -18.59 -3.50
CA GLU A 38 23.38 -18.70 -3.59
C GLU A 38 22.84 -19.43 -2.36
N ALA A 39 21.58 -19.14 -2.04
CA ALA A 39 20.90 -19.78 -0.92
C ALA A 39 21.76 -19.90 0.32
N SER A 40 22.29 -18.79 0.81
CA SER A 40 23.11 -18.83 2.00
C SER A 40 22.58 -17.89 3.07
N VAL A 41 21.49 -17.20 2.73
CA VAL A 41 20.86 -16.24 3.64
C VAL A 41 19.41 -16.65 3.86
N HIS A 42 18.99 -16.66 5.12
CA HIS A 42 17.63 -17.06 5.48
C HIS A 42 16.64 -15.91 5.53
N LEU A 43 17.12 -14.72 5.84
CA LEU A 43 16.20 -13.60 5.94
C LEU A 43 16.86 -12.25 5.72
N VAL A 44 16.11 -11.35 5.09
CA VAL A 44 16.61 -10.00 4.86
C VAL A 44 15.63 -8.96 5.43
N VAL A 45 16.15 -8.09 6.29
CA VAL A 45 15.37 -7.01 6.87
C VAL A 45 16.20 -5.77 6.50
N THR A 46 15.58 -4.78 5.86
CA THR A 46 16.32 -3.62 5.42
C THR A 46 15.40 -2.47 5.04
N SER A 47 15.99 -1.29 4.87
CA SER A 47 15.28 -0.10 4.44
C SER A 47 16.12 0.45 3.31
N PRO A 48 15.49 0.78 2.18
CA PRO A 48 16.23 1.31 1.03
C PRO A 48 16.88 2.65 1.38
N PRO A 49 18.10 2.91 0.87
CA PRO A 49 18.77 4.17 1.19
C PRO A 49 17.89 5.39 0.92
N TYR A 50 18.16 6.48 1.64
CA TYR A 50 17.37 7.69 1.47
C TYR A 50 17.46 8.24 0.06
N TRP A 51 16.32 8.66 -0.47
CA TRP A 51 16.26 9.23 -1.81
C TRP A 51 15.42 10.50 -1.74
N THR A 52 16.00 11.62 -2.14
CA THR A 52 15.28 12.89 -2.11
C THR A 52 15.05 13.39 -3.54
N LEU A 53 13.84 13.86 -3.80
CA LEU A 53 13.51 14.38 -5.13
C LEU A 53 14.38 15.61 -5.37
N LYS A 54 15.60 15.38 -5.86
CA LYS A 54 16.53 16.47 -6.12
C LYS A 54 17.32 16.21 -7.40
N GLN A 62 9.61 18.35 -17.17
CA GLN A 62 8.36 18.25 -16.43
C GLN A 62 8.20 16.87 -15.81
N LEU A 63 8.67 15.84 -16.52
CA LEU A 63 8.58 14.47 -16.04
C LEU A 63 9.96 13.95 -15.64
N GLY A 64 10.93 14.84 -15.52
CA GLY A 64 12.27 14.43 -15.15
C GLY A 64 12.35 13.84 -13.77
N HIS A 65 11.47 14.30 -12.88
CA HIS A 65 11.41 13.82 -11.50
C HIS A 65 11.13 12.33 -11.45
N ILE A 66 10.04 11.90 -12.09
CA ILE A 66 9.65 10.50 -12.11
C ILE A 66 10.74 9.68 -12.82
N GLU A 67 11.50 10.35 -13.67
CA GLU A 67 12.57 9.69 -14.40
C GLU A 67 13.69 9.31 -13.44
N ASP A 68 13.99 10.19 -12.51
CA ASP A 68 15.04 9.94 -11.53
C ASP A 68 14.52 8.97 -10.49
N TYR A 69 13.21 9.04 -10.26
CA TYR A 69 12.54 8.15 -9.31
C TYR A 69 12.66 6.73 -9.84
N GLU A 70 12.24 6.52 -11.08
CA GLU A 70 12.30 5.19 -11.67
C GLU A 70 13.72 4.71 -11.88
N ALA A 71 14.68 5.63 -11.86
CA ALA A 71 16.09 5.27 -12.02
C ALA A 71 16.53 4.69 -10.69
N PHE A 72 16.00 5.25 -9.62
CA PHE A 72 16.29 4.80 -8.24
C PHE A 72 15.78 3.38 -8.10
N LEU A 73 14.53 3.18 -8.49
CA LEU A 73 13.91 1.86 -8.44
C LEU A 73 14.79 0.87 -9.19
N ASP A 74 15.26 1.26 -10.38
CA ASP A 74 16.13 0.43 -11.21
C ASP A 74 17.32 -0.05 -10.40
N GLU A 75 17.89 0.85 -9.59
CA GLU A 75 19.04 0.51 -8.76
C GLU A 75 18.68 -0.46 -7.63
N LEU A 76 17.52 -0.26 -7.02
CA LEU A 76 17.05 -1.12 -5.96
C LEU A 76 16.88 -2.52 -6.50
N ASP A 77 16.26 -2.62 -7.68
CA ASP A 77 16.02 -3.89 -8.33
C ASP A 77 17.30 -4.68 -8.52
N ARG A 78 18.41 -3.98 -8.71
CA ARG A 78 19.70 -4.64 -8.88
C ARG A 78 20.06 -5.34 -7.58
N VAL A 79 19.66 -4.75 -6.45
CA VAL A 79 19.94 -5.34 -5.16
C VAL A 79 18.93 -6.45 -4.85
N TRP A 80 17.64 -6.20 -5.07
CA TRP A 80 16.60 -7.18 -4.81
C TRP A 80 16.89 -8.47 -5.59
N ARG A 81 17.42 -8.32 -6.80
CA ARG A 81 17.75 -9.47 -7.64
C ARG A 81 18.83 -10.36 -7.02
N GLU A 82 19.80 -9.73 -6.35
CA GLU A 82 20.85 -10.51 -5.70
C GLU A 82 20.27 -11.19 -4.46
N VAL A 83 19.46 -10.44 -3.71
CA VAL A 83 18.81 -10.99 -2.53
C VAL A 83 18.03 -12.25 -2.88
N PHE A 84 17.34 -12.22 -4.02
CA PHE A 84 16.57 -13.37 -4.46
C PHE A 84 17.48 -14.58 -4.68
N ARG A 85 18.71 -14.32 -5.14
CA ARG A 85 19.66 -15.40 -5.37
C ARG A 85 20.20 -15.91 -4.04
N LEU A 86 20.57 -14.99 -3.15
CA LEU A 86 21.13 -15.33 -1.84
C LEU A 86 20.14 -16.01 -0.90
N LEU A 87 18.87 -15.66 -1.00
CA LEU A 87 17.85 -16.22 -0.13
C LEU A 87 17.66 -17.73 -0.33
N VAL A 88 17.49 -18.44 0.78
CA VAL A 88 17.23 -19.87 0.71
C VAL A 88 15.76 -19.95 0.30
N PRO A 89 15.36 -21.01 -0.41
CA PRO A 89 13.94 -21.07 -0.78
C PRO A 89 13.12 -21.01 0.52
N GLY A 90 12.03 -20.27 0.51
CA GLY A 90 11.21 -20.15 1.71
C GLY A 90 11.62 -18.93 2.52
N GLY A 91 12.84 -18.46 2.31
CA GLY A 91 13.28 -17.29 3.02
C GLY A 91 12.57 -16.06 2.48
N ARG A 92 12.65 -14.94 3.19
CA ARG A 92 11.98 -13.75 2.68
C ARG A 92 12.81 -12.49 2.77
N LEU A 93 12.38 -11.51 1.97
CA LEU A 93 13.00 -10.20 1.92
C LEU A 93 12.00 -9.25 2.54
N VAL A 94 12.36 -8.67 3.68
CA VAL A 94 11.49 -7.73 4.38
C VAL A 94 12.06 -6.33 4.17
N ILE A 95 11.22 -5.44 3.66
CA ILE A 95 11.64 -4.08 3.36
C ILE A 95 10.76 -3.07 4.09
N VAL A 96 11.35 -2.30 4.98
CA VAL A 96 10.60 -1.30 5.72
C VAL A 96 10.68 -0.01 4.91
N VAL A 97 9.57 0.37 4.27
CA VAL A 97 9.52 1.54 3.42
C VAL A 97 8.43 2.55 3.77
N GLY A 98 8.80 3.82 3.64
CA GLY A 98 7.85 4.90 3.86
C GLY A 98 7.79 5.59 2.52
N ASP A 99 6.62 6.03 2.07
CA ASP A 99 6.55 6.68 0.79
C ASP A 99 7.05 8.12 0.82
N VAL A 100 7.72 8.54 -0.25
CA VAL A 100 8.31 9.87 -0.38
C VAL A 100 7.31 10.98 -0.68
N ALA A 101 6.92 11.72 0.34
CA ALA A 101 5.98 12.83 0.18
C ALA A 101 6.73 14.10 -0.20
N VAL A 102 6.15 14.87 -1.11
CA VAL A 102 6.75 16.13 -1.56
C VAL A 102 5.63 17.10 -1.90
N ALA A 103 5.37 18.06 -1.01
CA ALA A 103 4.31 19.04 -1.22
C ALA A 103 4.83 20.47 -1.16
N ARG A 104 4.97 21.11 -2.32
CA ARG A 104 5.45 22.49 -2.37
C ARG A 104 4.30 23.48 -2.25
N ARG A 109 2.91 22.26 -5.10
CA ARG A 109 2.19 21.11 -5.63
C ARG A 109 2.51 19.87 -4.80
N HIS A 110 1.52 19.39 -4.05
CA HIS A 110 1.74 18.21 -3.22
C HIS A 110 1.80 16.94 -4.05
N LEU A 111 2.69 16.03 -3.65
CA LEU A 111 2.84 14.78 -4.37
C LEU A 111 3.65 13.73 -3.61
N VAL A 112 3.13 12.52 -3.58
CA VAL A 112 3.80 11.43 -2.90
C VAL A 112 4.24 10.36 -3.89
N PHE A 113 5.49 9.92 -3.78
CA PHE A 113 5.99 8.85 -4.63
C PHE A 113 5.63 7.57 -3.91
N PRO A 114 4.89 6.68 -4.58
CA PRO A 114 4.43 5.38 -4.05
C PRO A 114 5.50 4.31 -4.02
N LEU A 115 6.57 4.57 -3.27
CA LEU A 115 7.70 3.67 -3.17
C LEU A 115 7.39 2.21 -2.86
N HIS A 116 6.60 1.98 -1.82
CA HIS A 116 6.26 0.61 -1.44
C HIS A 116 5.56 -0.10 -2.57
N ALA A 117 4.68 0.61 -3.27
CA ALA A 117 3.94 0.00 -4.36
C ALA A 117 4.87 -0.38 -5.50
N ASP A 118 5.74 0.55 -5.87
CA ASP A 118 6.68 0.29 -6.95
C ASP A 118 7.61 -0.85 -6.61
N ILE A 119 8.00 -0.95 -5.34
CA ILE A 119 8.89 -2.01 -4.92
C ILE A 119 8.16 -3.35 -4.98
N GLN A 120 6.91 -3.39 -4.52
CA GLN A 120 6.17 -4.63 -4.57
C GLN A 120 5.99 -5.12 -6.01
N VAL A 121 5.56 -4.22 -6.89
CA VAL A 121 5.35 -4.60 -8.26
C VAL A 121 6.64 -5.09 -8.92
N ARG A 122 7.74 -4.38 -8.68
CA ARG A 122 9.01 -4.76 -9.27
C ARG A 122 9.56 -6.06 -8.70
N CYS A 123 9.28 -6.34 -7.43
CA CYS A 123 9.76 -7.58 -6.85
C CYS A 123 9.04 -8.78 -7.47
N ARG A 124 7.80 -8.57 -7.92
CA ARG A 124 7.05 -9.65 -8.54
C ARG A 124 7.77 -10.05 -9.81
N LYS A 125 8.21 -9.05 -10.56
CA LYS A 125 8.93 -9.33 -11.80
C LYS A 125 10.20 -10.12 -11.51
N LEU A 126 10.77 -9.92 -10.33
CA LEU A 126 11.99 -10.63 -9.94
C LEU A 126 11.76 -12.06 -9.51
N GLY A 127 10.51 -12.49 -9.45
CA GLY A 127 10.23 -13.86 -9.06
C GLY A 127 9.81 -14.07 -7.62
N PHE A 128 9.67 -12.98 -6.87
CA PHE A 128 9.26 -13.06 -5.47
C PHE A 128 7.77 -13.30 -5.35
N ASP A 129 7.39 -13.96 -4.28
CA ASP A 129 5.98 -14.20 -3.99
C ASP A 129 5.63 -13.06 -3.03
N ASN A 130 4.58 -12.32 -3.33
CA ASN A 130 4.22 -11.23 -2.44
C ASN A 130 3.31 -11.72 -1.33
N LEU A 131 3.59 -11.29 -0.11
CA LEU A 131 2.76 -11.65 1.04
C LEU A 131 2.16 -10.36 1.60
N ASN A 132 1.27 -10.46 2.58
CA ASN A 132 0.67 -9.25 3.14
C ASN A 132 1.72 -8.45 3.90
N PRO A 133 1.77 -7.14 3.65
CA PRO A 133 2.75 -6.29 4.35
C PRO A 133 2.18 -5.93 5.72
N ILE A 134 3.05 -5.57 6.65
CA ILE A 134 2.60 -5.16 7.96
C ILE A 134 2.68 -3.64 7.91
N ILE A 135 1.67 -2.97 8.45
CA ILE A 135 1.66 -1.52 8.45
C ILE A 135 2.29 -1.01 9.73
N TRP A 136 3.32 -0.18 9.59
CA TRP A 136 3.95 0.38 10.78
C TRP A 136 3.35 1.76 11.02
N HIS A 137 2.45 1.85 12.00
CA HIS A 137 1.82 3.11 12.34
C HIS A 137 2.80 3.85 13.24
N LYS A 138 3.70 4.61 12.61
CA LYS A 138 4.74 5.38 13.30
C LYS A 138 4.19 6.52 14.14
N HIS A 139 3.40 7.38 13.48
CA HIS A 139 2.82 8.56 14.11
C HIS A 139 1.32 8.40 14.30
N PRO A 156 -9.06 26.08 7.63
CA PRO A 156 -10.37 25.75 7.05
C PRO A 156 -10.59 24.24 7.00
N TYR A 157 -11.57 23.76 7.75
CA TYR A 157 -11.89 22.33 7.77
C TYR A 157 -12.72 22.03 6.54
N GLU A 158 -12.12 22.24 5.38
CA GLU A 158 -12.82 22.03 4.12
C GLU A 158 -12.30 20.86 3.29
N PRO A 159 -13.18 20.26 2.47
CA PRO A 159 -12.79 19.13 1.63
C PRO A 159 -11.47 19.36 0.91
N GLY A 160 -10.76 18.27 0.59
CA GLY A 160 -9.50 18.39 -0.12
C GLY A 160 -8.23 18.46 0.72
N ALA A 161 -8.36 18.65 2.03
CA ALA A 161 -7.20 18.74 2.91
C ALA A 161 -6.24 17.55 2.71
N ILE A 162 -4.96 17.80 2.96
CA ILE A 162 -3.94 16.77 2.80
C ILE A 162 -3.76 16.00 4.10
N ILE A 163 -3.76 14.68 3.98
CA ILE A 163 -3.59 13.83 5.15
C ILE A 163 -2.10 13.56 5.33
N LYS A 164 -1.56 13.97 6.47
CA LYS A 164 -0.15 13.79 6.78
C LYS A 164 0.19 12.30 6.84
N THR A 165 1.42 11.96 6.50
CA THR A 165 1.89 10.58 6.53
C THR A 165 2.03 10.11 7.98
N GLU A 166 1.48 8.94 8.29
CA GLU A 166 1.55 8.41 9.65
C GLU A 166 2.12 7.00 9.67
N ILE A 167 2.29 6.42 8.49
CA ILE A 167 2.75 5.05 8.37
C ILE A 167 3.91 4.76 7.44
N GLU A 168 4.46 3.56 7.64
CA GLU A 168 5.50 3.03 6.79
C GLU A 168 5.01 1.62 6.53
N TYR A 169 5.44 1.05 5.41
CA TYR A 169 5.04 -0.28 5.01
C TYR A 169 6.17 -1.28 5.23
N ILE A 170 5.83 -2.42 5.81
CA ILE A 170 6.82 -3.46 6.02
C ILE A 170 6.45 -4.51 4.97
N LEU A 171 7.10 -4.42 3.81
CA LEU A 171 6.83 -5.34 2.71
C LEU A 171 7.39 -6.73 2.97
N MET A 172 6.69 -7.74 2.49
CA MET A 172 7.08 -9.14 2.70
C MET A 172 7.17 -9.82 1.33
N GLN A 173 8.39 -10.16 0.92
CA GLN A 173 8.62 -10.81 -0.37
C GLN A 173 9.29 -12.15 -0.15
N ARG A 174 8.58 -13.22 -0.48
CA ARG A 174 9.09 -14.55 -0.24
C ARG A 174 9.62 -15.28 -1.48
N LYS A 175 10.76 -15.95 -1.32
CA LYS A 175 11.32 -16.74 -2.42
C LYS A 175 10.67 -18.11 -2.38
N PRO A 176 9.99 -18.54 -3.45
CA PRO A 176 9.34 -19.85 -3.48
C PRO A 176 10.33 -21.00 -3.65
N GLY A 177 9.81 -22.18 -3.99
CA GLY A 177 10.68 -23.34 -4.18
C GLY A 177 10.70 -24.34 -3.03
N GLY A 178 10.18 -23.92 -1.88
CA GLY A 178 10.15 -24.79 -0.74
C GLY A 178 10.50 -24.02 0.51
N TYR A 179 11.26 -24.63 1.40
CA TYR A 179 11.69 -23.97 2.63
C TYR A 179 12.53 -24.84 3.54
N ARG A 180 13.43 -24.18 4.27
CA ARG A 180 14.35 -24.83 5.21
C ARG A 180 13.57 -25.44 6.36
N LYS A 181 14.06 -26.58 6.84
CA LYS A 181 13.43 -27.23 7.98
C LYS A 181 14.36 -27.03 9.17
N PRO A 182 13.94 -26.23 10.14
CA PRO A 182 14.79 -25.99 11.31
C PRO A 182 14.86 -27.26 12.16
N THR A 183 15.91 -27.38 12.96
CA THR A 183 16.06 -28.54 13.83
C THR A 183 15.10 -28.38 15.01
N GLN A 184 14.97 -29.42 15.82
CA GLN A 184 14.09 -29.34 16.97
C GLN A 184 14.58 -28.30 17.97
N GLU A 185 15.90 -28.20 18.14
CA GLU A 185 16.44 -27.22 19.06
C GLU A 185 16.18 -25.81 18.57
N GLN A 186 16.37 -25.56 17.27
CA GLN A 186 16.14 -24.24 16.70
C GLN A 186 14.69 -23.83 16.93
N ARG A 187 13.78 -24.75 16.61
CA ARG A 187 12.37 -24.47 16.78
C ARG A 187 12.05 -24.14 18.22
N GLU A 188 12.61 -24.91 19.16
CA GLU A 188 12.36 -24.68 20.57
C GLU A 188 12.90 -23.36 21.08
N LYS A 189 14.12 -23.00 20.70
CA LYS A 189 14.73 -21.75 21.13
C LYS A 189 14.27 -20.56 20.31
N SER A 190 13.34 -20.79 19.38
CA SER A 190 12.84 -19.71 18.54
C SER A 190 11.35 -19.50 18.79
N ARG A 191 10.74 -20.39 19.59
CA ARG A 191 9.33 -20.26 19.89
C ARG A 191 9.12 -18.91 20.56
N LEU A 192 7.96 -18.31 20.33
CA LEU A 192 7.66 -17.01 20.94
C LEU A 192 6.65 -17.17 22.07
N PRO A 193 6.83 -16.42 23.17
CA PRO A 193 5.85 -16.54 24.26
C PRO A 193 4.52 -16.11 23.66
N LYS A 194 3.43 -16.74 24.10
CA LYS A 194 2.10 -16.44 23.57
C LYS A 194 1.80 -14.95 23.38
N GLU A 195 2.02 -14.15 24.43
CA GLU A 195 1.74 -12.74 24.36
C GLU A 195 2.50 -12.06 23.22
N ASP A 196 3.78 -12.41 23.06
CA ASP A 196 4.58 -11.83 21.99
C ASP A 196 4.04 -12.21 20.63
N PHE A 197 3.78 -13.49 20.44
CA PHE A 197 3.26 -13.98 19.17
C PHE A 197 2.06 -13.16 18.73
N HIS A 198 1.08 -13.01 19.61
CA HIS A 198 -0.13 -12.28 19.27
C HIS A 198 0.07 -10.78 19.06
N ARG A 199 1.14 -10.25 19.63
CA ARG A 199 1.45 -8.84 19.47
C ARG A 199 2.17 -8.63 18.14
N PHE A 200 2.96 -9.62 17.74
CA PHE A 200 3.75 -9.52 16.50
C PHE A 200 3.02 -9.82 15.21
N PHE A 201 2.41 -11.01 15.14
CA PHE A 201 1.70 -11.41 13.95
C PHE A 201 0.33 -10.77 13.80
N ARG A 202 0.35 -9.48 13.47
CA ARG A 202 -0.88 -8.72 13.23
C ARG A 202 -0.51 -7.74 12.12
N GLN A 203 -1.50 -7.35 11.32
CA GLN A 203 -1.20 -6.48 10.19
C GLN A 203 -0.82 -5.02 10.50
N ILE A 204 -1.19 -4.53 11.68
CA ILE A 204 -0.84 -3.14 12.03
C ILE A 204 -0.13 -3.07 13.37
N TRP A 205 1.05 -2.46 13.39
CA TRP A 205 1.79 -2.29 14.62
C TRP A 205 1.72 -0.81 15.00
N ASP A 206 1.19 -0.53 16.18
CA ASP A 206 1.07 0.85 16.62
C ASP A 206 1.71 1.04 17.98
N ASP A 207 2.50 0.06 18.40
CA ASP A 207 3.17 0.09 19.69
C ASP A 207 4.67 0.31 19.59
N ILE A 208 5.12 0.88 18.48
CA ILE A 208 6.53 1.17 18.26
C ILE A 208 6.64 2.53 17.58
N PRO A 209 6.86 3.59 18.35
CA PRO A 209 6.99 4.95 17.81
C PRO A 209 8.23 5.14 16.94
N ALA A 218 17.87 6.45 13.42
CA ALA A 218 17.09 5.96 12.30
C ALA A 218 17.88 4.94 11.50
N PRO A 219 17.22 4.19 10.61
CA PRO A 219 15.77 4.32 10.40
C PRO A 219 14.97 3.67 11.53
N PHE A 220 14.28 2.59 11.21
CA PHE A 220 13.46 1.90 12.18
C PHE A 220 14.13 1.62 13.53
N PRO A 221 13.33 1.58 14.60
CA PRO A 221 13.85 1.31 15.93
C PRO A 221 14.40 -0.11 16.01
N LEU A 222 15.34 -0.31 16.92
CA LEU A 222 15.93 -1.63 17.11
C LEU A 222 14.83 -2.64 17.46
N GLU A 223 13.80 -2.19 18.17
CA GLU A 223 12.70 -3.07 18.55
C GLU A 223 11.90 -3.58 17.36
N LEU A 224 11.82 -2.76 16.31
CA LEU A 224 11.08 -3.13 15.10
C LEU A 224 11.86 -4.24 14.42
N ALA A 225 13.18 -4.09 14.38
CA ALA A 225 14.04 -5.07 13.76
C ALA A 225 14.04 -6.38 14.54
N GLU A 226 14.06 -6.30 15.87
CA GLU A 226 14.06 -7.51 16.68
C GLU A 226 12.80 -8.35 16.43
N ARG A 227 11.65 -7.69 16.34
CA ARG A 227 10.42 -8.42 16.07
C ARG A 227 10.50 -9.21 14.77
N LEU A 228 10.95 -8.54 13.71
CA LEU A 228 11.04 -9.18 12.39
C LEU A 228 12.01 -10.36 12.42
N VAL A 229 13.14 -10.18 13.09
CA VAL A 229 14.13 -11.25 13.23
C VAL A 229 13.48 -12.45 13.91
N ARG A 230 12.83 -12.18 15.05
CA ARG A 230 12.19 -13.23 15.82
C ARG A 230 11.00 -13.86 15.10
N MET A 231 10.37 -13.11 14.20
CA MET A 231 9.21 -13.60 13.47
C MET A 231 9.53 -14.41 12.22
N PHE A 232 10.60 -14.05 11.54
CA PHE A 232 10.91 -14.71 10.28
C PHE A 232 12.28 -15.36 10.09
N SER A 233 12.83 -15.90 11.18
CA SER A 233 14.10 -16.62 11.15
C SER A 233 14.21 -17.40 12.45
N PHE A 234 15.17 -18.32 12.51
CA PHE A 234 15.39 -19.14 13.71
C PHE A 234 16.79 -18.88 14.20
N VAL A 235 17.06 -19.20 15.46
CA VAL A 235 18.39 -19.01 16.01
C VAL A 235 19.37 -19.78 15.13
N GLY A 236 20.52 -19.17 14.86
CA GLY A 236 21.50 -19.80 14.02
C GLY A 236 21.41 -19.34 12.58
N ASP A 237 20.24 -18.84 12.19
CA ASP A 237 20.00 -18.38 10.82
C ASP A 237 20.86 -17.14 10.49
N VAL A 238 21.05 -16.91 9.19
CA VAL A 238 21.82 -15.77 8.72
C VAL A 238 20.81 -14.69 8.37
N VAL A 239 21.00 -13.50 8.93
CA VAL A 239 20.11 -12.36 8.66
C VAL A 239 20.94 -11.26 8.00
N LEU A 240 20.51 -10.85 6.81
CA LEU A 240 21.21 -9.84 6.04
C LEU A 240 20.48 -8.51 5.92
N ASP A 241 21.28 -7.44 5.82
CA ASP A 241 20.78 -6.08 5.61
C ASP A 241 21.81 -5.40 4.71
N PRO A 242 21.52 -5.36 3.39
CA PRO A 242 22.38 -4.76 2.34
C PRO A 242 22.53 -3.24 2.41
N PHE A 243 21.82 -2.61 3.34
CA PHE A 243 21.85 -1.16 3.54
C PHE A 243 21.88 -1.02 5.05
N ALA A 244 22.90 -1.61 5.66
CA ALA A 244 23.06 -1.65 7.11
C ALA A 244 23.05 -0.34 7.89
N GLY A 245 23.55 0.73 7.29
CA GLY A 245 23.57 2.00 8.01
C GLY A 245 24.36 1.79 9.30
N THR A 246 23.80 2.16 10.45
CA THR A 246 24.49 1.97 11.72
C THR A 246 24.21 0.61 12.35
N GLY A 247 23.88 -0.37 11.51
CA GLY A 247 23.63 -1.73 11.95
C GLY A 247 22.48 -2.06 12.91
N THR A 248 21.30 -1.51 12.67
CA THR A 248 20.17 -1.80 13.54
C THR A 248 19.73 -3.27 13.36
N THR A 249 19.75 -3.72 12.11
CA THR A 249 19.35 -5.09 11.78
C THR A 249 20.40 -6.09 12.26
N LEU A 250 21.66 -5.70 12.17
CA LEU A 250 22.75 -6.56 12.59
C LEU A 250 22.66 -6.76 14.09
N ILE A 251 22.40 -5.68 14.81
CA ILE A 251 22.29 -5.76 16.27
C ILE A 251 21.11 -6.63 16.70
N ALA A 252 19.95 -6.38 16.10
CA ALA A 252 18.76 -7.15 16.44
C ALA A 252 19.03 -8.63 16.19
N ALA A 253 19.71 -8.95 15.10
CA ALA A 253 19.99 -10.34 14.79
C ALA A 253 20.91 -10.99 15.82
N ALA A 254 22.09 -10.41 16.03
CA ALA A 254 23.06 -10.94 16.98
C ALA A 254 22.49 -11.04 18.39
N ARG A 255 21.60 -10.11 18.72
CA ARG A 255 20.97 -10.09 20.04
C ARG A 255 20.11 -11.32 20.28
N TRP A 256 19.54 -11.86 19.22
CA TRP A 256 18.69 -13.04 19.36
C TRP A 256 19.25 -14.35 18.83
N GLY A 257 20.56 -14.49 18.87
CA GLY A 257 21.18 -15.73 18.43
C GLY A 257 21.22 -15.99 16.94
N ARG A 258 21.01 -14.96 16.13
CA ARG A 258 21.08 -15.12 14.68
C ARG A 258 22.43 -14.56 14.24
N ARG A 259 22.87 -14.97 13.07
CA ARG A 259 24.14 -14.50 12.53
C ARG A 259 23.86 -13.28 11.69
N ALA A 260 24.51 -12.17 12.04
CA ALA A 260 24.32 -10.92 11.33
C ALA A 260 25.26 -10.77 10.14
N LEU A 261 24.71 -10.36 9.00
CA LEU A 261 25.50 -10.12 7.79
C LEU A 261 24.99 -8.80 7.26
N GLY A 262 25.89 -7.89 6.93
CA GLY A 262 25.48 -6.60 6.43
C GLY A 262 26.38 -6.02 5.37
N VAL A 263 25.89 -5.00 4.68
CA VAL A 263 26.64 -4.31 3.64
C VAL A 263 26.29 -2.84 3.76
N GLU A 264 27.30 -1.99 3.80
CA GLU A 264 27.11 -0.54 3.92
C GLU A 264 28.03 0.21 2.97
N LEU A 265 27.51 1.28 2.38
CA LEU A 265 28.25 2.10 1.44
C LEU A 265 29.32 3.00 2.04
N VAL A 266 28.96 3.72 3.10
CA VAL A 266 29.90 4.65 3.74
C VAL A 266 30.70 4.03 4.87
N PRO A 267 32.02 3.92 4.69
CA PRO A 267 32.87 3.34 5.75
C PRO A 267 32.69 4.07 7.07
N ARG A 268 32.37 5.36 7.02
CA ARG A 268 32.18 6.11 8.25
C ARG A 268 30.98 5.56 9.01
N TYR A 269 29.96 5.12 8.27
CA TYR A 269 28.77 4.54 8.88
C TYR A 269 29.04 3.12 9.34
N ALA A 270 29.85 2.40 8.56
CA ALA A 270 30.21 1.03 8.89
C ALA A 270 31.00 1.04 10.19
N GLN A 271 31.75 2.12 10.39
CA GLN A 271 32.55 2.30 11.59
C GLN A 271 31.62 2.59 12.77
N LEU A 272 30.66 3.48 12.53
CA LEU A 272 29.69 3.83 13.56
C LEU A 272 28.95 2.57 14.01
N ALA A 273 28.57 1.75 13.04
CA ALA A 273 27.85 0.50 13.31
C ALA A 273 28.63 -0.40 14.25
N LYS A 274 29.86 -0.74 13.87
CA LYS A 274 30.72 -1.59 14.68
C LYS A 274 30.77 -1.10 16.11
N GLU A 275 30.80 0.23 16.25
CA GLU A 275 30.87 0.84 17.57
C GLU A 275 29.59 0.68 18.37
N ARG A 276 28.42 0.86 17.75
CA ARG A 276 27.19 0.68 18.51
C ARG A 276 27.01 -0.82 18.77
N PHE A 277 27.41 -1.62 17.79
CA PHE A 277 27.29 -3.07 17.90
C PHE A 277 27.94 -3.55 19.19
N ALA A 278 29.21 -3.18 19.38
CA ALA A 278 29.94 -3.58 20.57
C ALA A 278 29.21 -3.14 21.84
N ARG A 279 28.53 -2.00 21.75
CA ARG A 279 27.78 -1.45 22.88
C ARG A 279 26.47 -2.18 23.10
N GLU A 280 25.74 -2.40 22.01
CA GLU A 280 24.44 -3.05 22.09
C GLU A 280 24.50 -4.57 22.22
N VAL A 281 25.61 -5.16 21.78
CA VAL A 281 25.78 -6.60 21.86
C VAL A 281 26.99 -6.89 22.73
N PRO A 282 26.81 -6.85 24.06
CA PRO A 282 27.86 -7.09 25.06
C PRO A 282 28.59 -8.43 24.94
N GLY A 283 29.92 -8.35 24.85
CA GLY A 283 30.73 -9.55 24.74
C GLY A 283 31.03 -9.91 23.31
N PHE A 284 30.24 -9.37 22.37
CA PHE A 284 30.42 -9.68 20.95
C PHE A 284 30.91 -8.48 20.15
N SER A 285 31.44 -8.77 18.97
CA SER A 285 31.96 -7.73 18.10
C SER A 285 31.51 -7.91 16.66
N LEU A 286 31.46 -6.82 15.92
CA LEU A 286 31.04 -6.83 14.53
C LEU A 286 32.26 -6.62 13.64
N GLU A 287 32.59 -7.62 12.84
CA GLU A 287 33.74 -7.54 11.96
C GLU A 287 33.43 -6.70 10.72
N VAL A 288 34.17 -5.62 10.52
CA VAL A 288 33.97 -4.76 9.36
C VAL A 288 35.03 -5.03 8.31
N LEU A 289 34.59 -5.29 7.08
CA LEU A 289 35.51 -5.55 5.97
C LEU A 289 35.35 -4.48 4.92
N ASP A 290 36.38 -4.28 4.09
CA ASP A 290 36.32 -3.28 3.03
C ASP A 290 36.31 -3.92 1.65
N GLY A 291 35.22 -4.63 1.37
CA GLY A 291 35.07 -5.33 0.11
C GLY A 291 34.05 -6.42 0.27
N VAL B 21 -30.89 15.19 -10.29
CA VAL B 21 -31.09 13.85 -10.89
C VAL B 21 -29.88 12.96 -10.63
N HIS B 22 -30.15 11.74 -10.17
CA HIS B 22 -29.12 10.77 -9.90
C HIS B 22 -29.34 9.67 -10.93
N ARG B 23 -28.28 9.36 -11.67
CA ARG B 23 -28.40 8.36 -12.72
C ARG B 23 -27.45 7.18 -12.62
N LEU B 24 -27.91 6.02 -13.07
CA LEU B 24 -27.09 4.82 -13.07
C LEU B 24 -27.22 4.24 -14.48
N HIS B 25 -26.11 4.18 -15.20
CA HIS B 25 -26.13 3.64 -16.56
C HIS B 25 -25.79 2.16 -16.51
N VAL B 26 -26.49 1.39 -17.34
CA VAL B 26 -26.24 -0.05 -17.38
C VAL B 26 -25.46 -0.34 -18.63
N GLY B 27 -24.25 -0.85 -18.47
CA GLY B 27 -23.42 -1.17 -19.61
C GLY B 27 -21.95 -1.39 -19.27
N ASP B 28 -21.09 -1.17 -20.26
CA ASP B 28 -19.67 -1.35 -20.08
C ASP B 28 -19.04 -0.03 -19.64
N ALA B 29 -18.40 -0.05 -18.47
CA ALA B 29 -17.77 1.11 -17.87
C ALA B 29 -16.99 2.00 -18.84
N ARG B 30 -16.06 1.42 -19.58
CA ARG B 30 -15.24 2.18 -20.53
C ARG B 30 -16.09 2.87 -21.59
N GLU B 31 -16.92 2.08 -22.26
CA GLU B 31 -17.79 2.58 -23.32
C GLU B 31 -18.70 3.70 -22.85
N VAL B 32 -19.38 3.50 -21.73
CA VAL B 32 -20.29 4.51 -21.19
C VAL B 32 -19.55 5.77 -20.79
N LEU B 33 -18.47 5.62 -20.03
CA LEU B 33 -17.70 6.78 -19.60
C LEU B 33 -17.21 7.57 -20.80
N ALA B 34 -16.73 6.86 -21.82
CA ALA B 34 -16.22 7.52 -23.01
C ALA B 34 -17.28 8.41 -23.66
N SER B 35 -18.54 8.18 -23.33
CA SER B 35 -19.62 8.97 -23.89
C SER B 35 -19.99 10.20 -23.07
N PHE B 36 -19.25 10.45 -21.99
CA PHE B 36 -19.52 11.61 -21.15
C PHE B 36 -18.50 12.70 -21.46
N PRO B 37 -18.91 13.98 -21.35
CA PRO B 37 -18.04 15.13 -21.63
C PRO B 37 -16.88 15.25 -20.66
N GLU B 38 -15.74 15.69 -21.17
CA GLU B 38 -14.54 15.85 -20.36
C GLU B 38 -14.71 16.88 -19.25
N ALA B 39 -13.91 16.73 -18.20
CA ALA B 39 -13.94 17.62 -17.05
C ALA B 39 -15.36 17.88 -16.54
N SER B 40 -16.16 16.83 -16.46
CA SER B 40 -17.53 16.96 -15.97
C SER B 40 -17.76 16.24 -14.64
N VAL B 41 -16.72 15.56 -14.13
CA VAL B 41 -16.85 14.82 -12.86
C VAL B 41 -15.89 15.36 -11.81
N HIS B 42 -16.38 15.51 -10.58
CA HIS B 42 -15.57 16.06 -9.50
C HIS B 42 -14.86 15.03 -8.64
N LEU B 43 -15.49 13.90 -8.40
CA LEU B 43 -14.93 12.85 -7.56
C LEU B 43 -15.43 11.49 -7.99
N VAL B 44 -14.56 10.49 -7.86
CA VAL B 44 -14.90 9.11 -8.17
C VAL B 44 -14.56 8.23 -6.97
N VAL B 45 -15.52 7.45 -6.50
CA VAL B 45 -15.26 6.53 -5.39
C VAL B 45 -15.71 5.19 -5.91
N THR B 46 -14.82 4.20 -5.87
CA THR B 46 -15.21 2.90 -6.38
C THR B 46 -14.29 1.77 -5.92
N SER B 47 -14.75 0.56 -6.18
CA SER B 47 -13.99 -0.64 -5.85
C SER B 47 -13.93 -1.48 -7.12
N PRO B 48 -12.73 -1.90 -7.52
CA PRO B 48 -12.60 -2.71 -8.74
C PRO B 48 -13.42 -3.99 -8.60
N PRO B 49 -14.15 -4.37 -9.66
CA PRO B 49 -14.97 -5.58 -9.64
C PRO B 49 -14.09 -6.82 -9.71
N TYR B 50 -13.39 -7.13 -8.63
CA TYR B 50 -12.52 -8.29 -8.68
C TYR B 50 -13.25 -9.62 -8.86
N TRP B 51 -14.44 -9.73 -8.28
CA TRP B 51 -15.18 -10.98 -8.42
C TRP B 51 -15.36 -11.32 -9.90
N THR B 52 -15.09 -10.33 -10.75
CA THR B 52 -15.20 -10.49 -12.20
C THR B 52 -13.93 -11.12 -12.77
N HIS B 65 -3.19 -17.46 -14.40
CA HIS B 65 -2.19 -16.90 -13.48
C HIS B 65 -1.98 -15.41 -13.74
N ILE B 66 -0.72 -14.97 -13.66
CA ILE B 66 -0.42 -13.56 -13.87
C ILE B 66 -1.09 -13.02 -15.13
N GLU B 67 -1.34 -13.89 -16.11
CA GLU B 67 -1.99 -13.47 -17.34
C GLU B 67 -3.37 -12.88 -17.05
N ASP B 68 -4.23 -13.69 -16.41
CA ASP B 68 -5.57 -13.22 -16.06
C ASP B 68 -5.43 -11.92 -15.30
N TYR B 69 -4.47 -11.90 -14.40
CA TYR B 69 -4.18 -10.75 -13.56
C TYR B 69 -3.80 -9.52 -14.40
N GLU B 70 -2.82 -9.67 -15.28
CA GLU B 70 -2.38 -8.56 -16.13
C GLU B 70 -3.51 -8.06 -17.01
N ALA B 71 -4.24 -8.98 -17.62
CA ALA B 71 -5.35 -8.61 -18.48
C ALA B 71 -6.41 -7.84 -17.69
N PHE B 72 -6.63 -8.26 -16.44
CA PHE B 72 -7.60 -7.59 -15.57
C PHE B 72 -7.10 -6.17 -15.32
N LEU B 73 -5.84 -6.03 -14.94
CA LEU B 73 -5.25 -4.72 -14.70
C LEU B 73 -5.43 -3.82 -15.92
N ASP B 74 -5.18 -4.38 -17.10
CA ASP B 74 -5.30 -3.65 -18.35
C ASP B 74 -6.73 -3.18 -18.56
N GLU B 75 -7.70 -3.99 -18.13
CA GLU B 75 -9.10 -3.62 -18.28
C GLU B 75 -9.37 -2.39 -17.41
N LEU B 76 -8.91 -2.45 -16.16
CA LEU B 76 -9.09 -1.35 -15.24
C LEU B 76 -8.45 -0.07 -15.78
N ASP B 77 -7.27 -0.20 -16.38
CA ASP B 77 -6.59 0.96 -16.93
C ASP B 77 -7.41 1.74 -17.96
N ARG B 78 -8.18 1.03 -18.77
CA ARG B 78 -9.01 1.70 -19.77
C ARG B 78 -10.11 2.51 -19.09
N VAL B 79 -10.48 2.08 -17.89
CA VAL B 79 -11.49 2.79 -17.12
C VAL B 79 -10.86 4.00 -16.45
N TRP B 80 -9.69 3.81 -15.86
CA TRP B 80 -8.98 4.90 -15.19
C TRP B 80 -8.67 6.01 -16.22
N ARG B 81 -8.43 5.62 -17.47
CA ARG B 81 -8.14 6.60 -18.53
C ARG B 81 -9.32 7.54 -18.74
N GLU B 82 -10.51 6.97 -18.84
CA GLU B 82 -11.71 7.79 -19.01
C GLU B 82 -11.94 8.64 -17.77
N VAL B 83 -11.73 8.05 -16.60
CA VAL B 83 -11.91 8.78 -15.35
C VAL B 83 -11.02 10.00 -15.35
N PHE B 84 -9.77 9.83 -15.78
CA PHE B 84 -8.83 10.94 -15.80
C PHE B 84 -9.34 12.06 -16.70
N ARG B 85 -10.02 11.68 -17.77
CA ARG B 85 -10.54 12.64 -18.72
C ARG B 85 -11.82 13.31 -18.20
N LEU B 86 -12.66 12.53 -17.53
CA LEU B 86 -13.91 13.03 -16.97
C LEU B 86 -13.67 13.95 -15.77
N LEU B 87 -12.67 13.61 -14.96
CA LEU B 87 -12.34 14.38 -13.77
C LEU B 87 -11.98 15.83 -14.10
N VAL B 88 -12.42 16.75 -13.25
CA VAL B 88 -12.10 18.15 -13.44
C VAL B 88 -10.73 18.32 -12.79
N PRO B 89 -9.89 19.21 -13.33
CA PRO B 89 -8.57 19.39 -12.74
C PRO B 89 -8.67 19.57 -11.23
N GLY B 90 -7.87 18.80 -10.49
CA GLY B 90 -7.92 18.90 -9.04
C GLY B 90 -8.82 17.85 -8.42
N GLY B 91 -9.70 17.28 -9.23
CA GLY B 91 -10.61 16.25 -8.74
C GLY B 91 -9.81 14.98 -8.53
N ARG B 92 -10.39 13.97 -7.90
CA ARG B 92 -9.63 12.75 -7.67
C ARG B 92 -10.40 11.46 -7.84
N LEU B 93 -9.64 10.40 -8.08
CA LEU B 93 -10.18 9.07 -8.22
C LEU B 93 -9.78 8.32 -6.94
N VAL B 94 -10.78 7.91 -6.16
CA VAL B 94 -10.54 7.19 -4.91
C VAL B 94 -10.90 5.74 -5.18
N ILE B 95 -9.96 4.83 -4.91
CA ILE B 95 -10.19 3.41 -5.15
C ILE B 95 -10.02 2.56 -3.89
N VAL B 96 -11.10 1.93 -3.46
CA VAL B 96 -11.07 1.07 -2.28
C VAL B 96 -10.72 -0.33 -2.78
N VAL B 97 -9.50 -0.75 -2.45
CA VAL B 97 -8.98 -2.05 -2.91
C VAL B 97 -8.38 -2.89 -1.80
N GLY B 98 -8.77 -4.17 -1.76
CA GLY B 98 -8.20 -5.09 -0.80
C GLY B 98 -7.31 -6.01 -1.63
N ASP B 99 -6.12 -6.35 -1.16
CA ASP B 99 -5.27 -7.23 -1.94
C ASP B 99 -5.81 -8.66 -1.97
N VAL B 100 -5.80 -9.25 -3.15
CA VAL B 100 -6.32 -10.60 -3.36
C VAL B 100 -5.40 -11.75 -3.01
N ALA B 101 -5.69 -12.41 -1.90
CA ALA B 101 -4.90 -13.54 -1.44
C ALA B 101 -5.57 -14.83 -1.88
N VAL B 102 -5.51 -15.14 -3.17
CA VAL B 102 -6.11 -16.36 -3.69
C VAL B 102 -5.07 -17.26 -4.34
N GLY B 108 0.88 -24.11 -5.07
CA GLY B 108 1.91 -24.80 -4.31
C GLY B 108 2.22 -24.15 -2.97
N ARG B 109 1.79 -22.89 -2.83
CA ARG B 109 2.02 -22.15 -1.59
C ARG B 109 1.16 -20.89 -1.49
N HIS B 110 1.25 -20.21 -0.35
CA HIS B 110 0.48 -19.00 -0.11
C HIS B 110 1.18 -17.73 -0.63
N LEU B 111 0.37 -16.82 -1.16
CA LEU B 111 0.86 -15.55 -1.66
C LEU B 111 -0.33 -14.63 -1.85
N VAL B 112 -0.06 -13.36 -2.11
CA VAL B 112 -1.11 -12.38 -2.27
C VAL B 112 -0.80 -11.49 -3.47
N PHE B 113 -1.78 -11.30 -4.35
CA PHE B 113 -1.58 -10.42 -5.48
C PHE B 113 -1.67 -9.00 -4.92
N PRO B 114 -0.63 -8.18 -5.10
CA PRO B 114 -0.59 -6.79 -4.61
C PRO B 114 -1.43 -5.85 -5.47
N LEU B 115 -2.72 -6.15 -5.58
CA LEU B 115 -3.64 -5.36 -6.37
C LEU B 115 -3.54 -3.84 -6.19
N HIS B 116 -3.55 -3.38 -4.94
CA HIS B 116 -3.49 -1.95 -4.67
C HIS B 116 -2.21 -1.32 -5.22
N ALA B 117 -1.11 -2.06 -5.13
CA ALA B 117 0.17 -1.54 -5.60
C ALA B 117 0.21 -1.48 -7.13
N ASP B 118 -0.34 -2.49 -7.78
CA ASP B 118 -0.37 -2.52 -9.24
C ASP B 118 -1.23 -1.38 -9.73
N ILE B 119 -2.32 -1.10 -9.00
CA ILE B 119 -3.22 -0.02 -9.36
C ILE B 119 -2.52 1.33 -9.22
N GLN B 120 -1.88 1.55 -8.07
CA GLN B 120 -1.16 2.80 -7.83
C GLN B 120 -0.13 3.10 -8.92
N VAL B 121 0.68 2.10 -9.22
CA VAL B 121 1.71 2.25 -10.24
C VAL B 121 1.13 2.60 -11.61
N ARG B 122 0.20 1.78 -12.08
CA ARG B 122 -0.41 2.01 -13.37
C ARG B 122 -1.11 3.36 -13.49
N CYS B 123 -1.63 3.88 -12.38
CA CYS B 123 -2.31 5.17 -12.41
C CYS B 123 -1.33 6.30 -12.70
N ARG B 124 -0.09 6.14 -12.28
CA ARG B 124 0.91 7.16 -12.54
C ARG B 124 1.15 7.23 -14.05
N LYS B 125 1.28 6.07 -14.67
CA LYS B 125 1.50 5.98 -16.11
C LYS B 125 0.38 6.70 -16.85
N LEU B 126 -0.76 6.86 -16.19
CA LEU B 126 -1.89 7.51 -16.81
C LEU B 126 -1.92 9.03 -16.57
N GLY B 127 -1.00 9.53 -15.75
CA GLY B 127 -0.94 10.96 -15.48
C GLY B 127 -1.42 11.43 -14.11
N PHE B 128 -1.96 10.51 -13.32
CA PHE B 128 -2.44 10.85 -11.97
C PHE B 128 -1.33 11.22 -11.00
N ASP B 129 -1.63 12.12 -10.06
CA ASP B 129 -0.67 12.49 -9.03
C ASP B 129 -0.99 11.57 -7.87
N ASN B 130 -0.04 10.78 -7.43
CA ASN B 130 -0.33 9.90 -6.31
C ASN B 130 -0.34 10.64 -4.98
N LEU B 131 -1.38 10.39 -4.19
CA LEU B 131 -1.51 10.98 -2.87
C LEU B 131 -1.42 9.81 -1.88
N ASN B 132 -1.25 10.09 -0.60
CA ASN B 132 -1.17 9.03 0.38
C ASN B 132 -2.50 8.31 0.51
N PRO B 133 -2.47 6.98 0.55
CA PRO B 133 -3.75 6.28 0.68
C PRO B 133 -4.15 6.33 2.12
N ILE B 134 -5.38 5.89 2.39
CA ILE B 134 -5.89 5.79 3.75
C ILE B 134 -6.02 4.28 3.96
N ILE B 135 -5.61 3.82 5.13
CA ILE B 135 -5.68 2.40 5.46
C ILE B 135 -6.98 2.10 6.14
N TRP B 136 -7.79 1.25 5.53
CA TRP B 136 -9.05 0.88 6.14
C TRP B 136 -8.84 -0.38 6.97
N HIS B 137 -8.75 -0.21 8.29
CA HIS B 137 -8.59 -1.36 9.16
C HIS B 137 -9.98 -1.97 9.28
N LYS B 138 -10.24 -2.86 8.35
CA LYS B 138 -11.50 -3.56 8.18
C LYS B 138 -11.80 -4.49 9.35
N HIS B 139 -10.87 -5.44 9.57
CA HIS B 139 -11.03 -6.44 10.63
C HIS B 139 -10.06 -6.23 11.77
N THR B 140 -10.55 -5.58 12.83
CA THR B 140 -9.76 -5.30 14.03
C THR B 140 -9.41 -6.57 14.80
N PRO B 156 1.29 -23.65 17.93
CA PRO B 156 2.54 -23.33 17.20
C PRO B 156 3.39 -22.27 17.90
N TYR B 157 3.11 -21.00 17.62
CA TYR B 157 3.86 -19.89 18.21
C TYR B 157 5.31 -19.86 17.74
N GLU B 158 5.53 -20.30 16.51
CA GLU B 158 6.87 -20.33 15.93
C GLU B 158 6.97 -19.36 14.77
N PRO B 159 8.19 -19.05 14.32
CA PRO B 159 8.40 -18.13 13.20
C PRO B 159 7.73 -18.57 11.89
N GLY B 160 7.55 -17.61 10.98
CA GLY B 160 6.96 -17.93 9.70
C GLY B 160 5.45 -18.03 9.60
N ALA B 161 4.74 -17.71 10.68
CA ALA B 161 3.29 -17.79 10.65
C ALA B 161 2.72 -16.76 9.68
N ILE B 162 1.59 -17.09 9.08
CA ILE B 162 0.95 -16.19 8.13
C ILE B 162 0.13 -15.16 8.89
N ILE B 163 0.18 -13.91 8.43
CA ILE B 163 -0.61 -12.86 9.07
C ILE B 163 -1.90 -12.65 8.29
N LYS B 164 -3.02 -12.83 8.97
CA LYS B 164 -4.33 -12.70 8.34
C LYS B 164 -4.66 -11.27 7.92
N THR B 165 -5.26 -11.14 6.74
CA THR B 165 -5.62 -9.83 6.22
C THR B 165 -6.60 -9.06 7.08
N GLU B 166 -6.20 -7.86 7.51
CA GLU B 166 -7.08 -7.03 8.32
C GLU B 166 -7.38 -5.71 7.63
N ILE B 167 -6.76 -5.46 6.48
CA ILE B 167 -6.94 -4.17 5.83
C ILE B 167 -7.25 -4.15 4.33
N GLU B 168 -7.63 -2.96 3.88
CA GLU B 168 -7.87 -2.67 2.48
C GLU B 168 -7.26 -1.29 2.30
N TYR B 169 -6.94 -0.94 1.06
CA TYR B 169 -6.29 0.32 0.77
C TYR B 169 -7.20 1.31 0.08
N ILE B 170 -7.22 2.55 0.56
CA ILE B 170 -8.05 3.55 -0.10
C ILE B 170 -7.08 4.43 -0.84
N LEU B 171 -6.89 4.11 -2.12
CA LEU B 171 -5.98 4.84 -3.00
C LEU B 171 -6.53 6.21 -3.38
N MET B 172 -5.65 7.20 -3.41
CA MET B 172 -6.04 8.56 -3.76
C MET B 172 -5.22 9.00 -4.98
N GLN B 173 -5.91 9.17 -6.10
CA GLN B 173 -5.26 9.57 -7.33
C GLN B 173 -5.86 10.88 -7.82
N ARG B 174 -5.07 11.95 -7.75
CA ARG B 174 -5.54 13.27 -8.15
C ARG B 174 -5.15 13.68 -9.56
N LYS B 175 -6.09 14.30 -10.27
CA LYS B 175 -5.83 14.78 -11.61
C LYS B 175 -5.25 16.17 -11.45
N PRO B 176 -3.98 16.36 -11.84
CA PRO B 176 -3.35 17.68 -11.71
C PRO B 176 -4.05 18.70 -12.61
N GLY B 177 -3.57 19.94 -12.59
CA GLY B 177 -4.18 20.96 -13.43
C GLY B 177 -4.65 22.18 -12.69
N GLY B 178 -4.48 22.20 -11.37
CA GLY B 178 -4.91 23.33 -10.59
C GLY B 178 -5.90 22.94 -9.52
N TYR B 179 -6.09 23.82 -8.55
CA TYR B 179 -7.00 23.56 -7.45
C TYR B 179 -8.46 23.65 -7.83
N ARG B 180 -9.32 23.49 -6.83
CA ARG B 180 -10.77 23.53 -7.00
C ARG B 180 -11.31 24.91 -6.61
N LYS B 181 -12.47 25.28 -7.15
CA LYS B 181 -13.08 26.58 -6.86
C LYS B 181 -14.61 26.49 -6.71
N PRO B 182 -15.09 26.34 -5.46
CA PRO B 182 -16.51 26.25 -5.17
C PRO B 182 -17.14 27.59 -4.79
N THR B 183 -18.48 27.62 -4.77
CA THR B 183 -19.20 28.84 -4.40
C THR B 183 -19.18 28.97 -2.88
N GLN B 184 -19.36 30.19 -2.38
CA GLN B 184 -19.36 30.41 -0.95
C GLN B 184 -20.30 29.46 -0.21
N GLU B 185 -21.49 29.27 -0.77
CA GLU B 185 -22.44 28.39 -0.12
C GLU B 185 -21.95 26.94 -0.20
N GLN B 186 -21.15 26.63 -1.21
CA GLN B 186 -20.62 25.28 -1.34
C GLN B 186 -19.63 25.04 -0.21
N ARG B 187 -18.79 26.02 0.06
CA ARG B 187 -17.81 25.92 1.12
C ARG B 187 -18.53 25.86 2.46
N GLU B 188 -19.49 26.77 2.65
CA GLU B 188 -20.26 26.82 3.88
C GLU B 188 -21.04 25.55 4.15
N LYS B 189 -21.62 24.96 3.11
CA LYS B 189 -22.43 23.74 3.26
C LYS B 189 -21.59 22.46 3.29
N SER B 190 -20.32 22.56 2.93
CA SER B 190 -19.46 21.39 2.89
C SER B 190 -18.39 21.41 3.97
N ARG B 191 -18.25 22.54 4.65
CA ARG B 191 -17.25 22.65 5.70
C ARG B 191 -17.53 21.56 6.73
N LEU B 192 -16.48 20.89 7.17
CA LEU B 192 -16.65 19.83 8.15
C LEU B 192 -16.46 20.34 9.57
N PRO B 193 -17.30 19.86 10.51
CA PRO B 193 -17.19 20.28 11.90
C PRO B 193 -15.82 19.78 12.34
N LYS B 194 -15.20 20.49 13.28
CA LYS B 194 -13.88 20.11 13.76
C LYS B 194 -13.79 18.63 14.14
N GLU B 195 -14.78 18.14 14.88
CA GLU B 195 -14.77 16.75 15.30
C GLU B 195 -14.64 15.75 14.15
N ASP B 196 -15.48 15.91 13.13
CA ASP B 196 -15.44 15.00 12.00
C ASP B 196 -14.14 15.14 11.23
N PHE B 197 -13.71 16.38 11.01
CA PHE B 197 -12.48 16.65 10.26
C PHE B 197 -11.31 15.83 10.80
N HIS B 198 -11.07 15.94 12.10
CA HIS B 198 -9.96 15.22 12.71
C HIS B 198 -10.16 13.72 12.69
N ARG B 199 -11.40 13.27 12.77
CA ARG B 199 -11.67 11.85 12.69
C ARG B 199 -11.49 11.32 11.27
N PHE B 200 -11.93 12.09 10.28
CA PHE B 200 -11.83 11.67 8.87
C PHE B 200 -10.44 11.82 8.25
N PHE B 201 -9.84 13.00 8.41
CA PHE B 201 -8.53 13.24 7.82
C PHE B 201 -7.36 12.69 8.62
N ARG B 202 -7.22 11.37 8.60
CA ARG B 202 -6.14 10.68 9.26
C ARG B 202 -5.82 9.53 8.33
N GLN B 203 -4.65 8.92 8.47
CA GLN B 203 -4.28 7.87 7.54
C GLN B 203 -4.83 6.47 7.83
N ILE B 204 -5.38 6.25 9.01
CA ILE B 204 -5.94 4.94 9.32
C ILE B 204 -7.36 5.06 9.89
N TRP B 205 -8.29 4.33 9.29
CA TRP B 205 -9.67 4.32 9.74
C TRP B 205 -9.93 2.96 10.38
N ASP B 206 -10.14 2.94 11.69
CA ASP B 206 -10.36 1.68 12.39
C ASP B 206 -11.72 1.63 13.06
N ASP B 207 -12.57 2.59 12.74
CA ASP B 207 -13.91 2.67 13.34
C ASP B 207 -15.03 2.26 12.39
N ILE B 208 -14.70 1.60 11.29
CA ILE B 208 -15.70 1.15 10.32
C ILE B 208 -15.41 -0.30 9.94
N PRO B 209 -16.01 -1.25 10.66
CA PRO B 209 -15.81 -2.68 10.37
C PRO B 209 -16.40 -3.16 9.05
N GLY B 210 -15.79 -4.20 8.49
CA GLY B 210 -16.27 -4.77 7.25
C GLY B 210 -17.65 -5.35 7.47
N GLU B 211 -18.49 -5.27 6.44
CA GLU B 211 -19.87 -5.77 6.49
C GLU B 211 -20.81 -4.74 7.13
N ALA B 218 -22.02 -5.49 -1.32
CA ALA B 218 -21.29 -4.24 -1.40
C ALA B 218 -19.86 -4.44 -0.90
N PRO B 219 -18.87 -3.96 -1.65
CA PRO B 219 -17.47 -4.10 -1.25
C PRO B 219 -17.08 -3.22 -0.07
N PHE B 220 -17.94 -2.25 0.25
CA PHE B 220 -17.67 -1.37 1.37
C PHE B 220 -18.94 -0.75 1.96
N PRO B 221 -18.93 -0.47 3.26
CA PRO B 221 -20.06 0.13 3.97
C PRO B 221 -20.43 1.51 3.44
N LEU B 222 -21.70 1.86 3.59
CA LEU B 222 -22.19 3.15 3.15
C LEU B 222 -21.39 4.23 3.90
N GLU B 223 -21.20 4.02 5.21
CA GLU B 223 -20.48 4.98 6.01
C GLU B 223 -19.10 5.34 5.47
N LEU B 224 -18.40 4.36 4.93
CA LEU B 224 -17.08 4.59 4.37
C LEU B 224 -17.22 5.47 3.12
N ALA B 225 -18.25 5.23 2.33
CA ALA B 225 -18.46 6.03 1.13
C ALA B 225 -18.90 7.45 1.50
N GLU B 226 -19.78 7.57 2.48
CA GLU B 226 -20.24 8.90 2.89
C GLU B 226 -19.10 9.76 3.39
N ARG B 227 -18.17 9.14 4.10
CA ARG B 227 -17.03 9.86 4.63
C ARG B 227 -16.17 10.40 3.48
N LEU B 228 -15.95 9.59 2.45
CA LEU B 228 -15.14 10.01 1.31
C LEU B 228 -15.82 11.15 0.54
N VAL B 229 -17.13 11.02 0.30
CA VAL B 229 -17.87 12.06 -0.39
C VAL B 229 -17.71 13.39 0.36
N ARG B 230 -17.94 13.37 1.66
CA ARG B 230 -17.84 14.59 2.47
C ARG B 230 -16.46 15.19 2.49
N MET B 231 -15.44 14.33 2.35
CA MET B 231 -14.05 14.80 2.38
C MET B 231 -13.51 15.28 1.05
N PHE B 232 -13.98 14.72 -0.05
CA PHE B 232 -13.41 15.09 -1.33
C PHE B 232 -14.34 15.57 -2.43
N SER B 233 -15.41 16.25 -2.05
CA SER B 233 -16.36 16.82 -3.00
C SER B 233 -17.15 17.87 -2.24
N PHE B 234 -17.86 18.73 -2.96
CA PHE B 234 -18.68 19.77 -2.36
C PHE B 234 -20.14 19.50 -2.69
N VAL B 235 -21.05 20.03 -1.87
CA VAL B 235 -22.47 19.86 -2.12
C VAL B 235 -22.68 20.31 -3.56
N GLY B 236 -23.49 19.57 -4.32
CA GLY B 236 -23.71 19.94 -5.70
C GLY B 236 -22.78 19.29 -6.72
N ASP B 237 -21.60 18.85 -6.27
CA ASP B 237 -20.64 18.19 -7.17
C ASP B 237 -21.18 16.87 -7.71
N VAL B 238 -20.53 16.37 -8.75
CA VAL B 238 -20.90 15.11 -9.38
C VAL B 238 -19.96 14.02 -8.86
N VAL B 239 -20.54 12.98 -8.27
CA VAL B 239 -19.77 11.86 -7.74
C VAL B 239 -20.03 10.65 -8.63
N LEU B 240 -18.96 10.06 -9.13
CA LEU B 240 -19.09 8.91 -10.02
C LEU B 240 -18.48 7.61 -9.50
N ASP B 241 -19.19 6.52 -9.75
CA ASP B 241 -18.71 5.18 -9.40
C ASP B 241 -18.90 4.35 -10.68
N PRO B 242 -17.80 4.01 -11.37
CA PRO B 242 -17.79 3.24 -12.61
C PRO B 242 -18.20 1.77 -12.42
N PHE B 243 -18.15 1.29 -11.18
CA PHE B 243 -18.52 -0.09 -10.86
C PHE B 243 -19.47 -0.06 -9.68
N ALA B 244 -20.62 0.58 -9.89
CA ALA B 244 -21.63 0.80 -8.86
C ALA B 244 -22.23 -0.37 -8.08
N GLY B 245 -22.31 -1.56 -8.67
CA GLY B 245 -22.89 -2.68 -7.94
C GLY B 245 -24.27 -2.26 -7.43
N THR B 246 -24.54 -2.48 -6.14
CA THR B 246 -25.84 -2.10 -5.61
C THR B 246 -25.97 -0.61 -5.30
N GLY B 247 -24.98 0.17 -5.75
CA GLY B 247 -25.03 1.61 -5.59
C GLY B 247 -24.63 2.29 -4.28
N THR B 248 -23.79 1.65 -3.49
CA THR B 248 -23.35 2.21 -2.23
C THR B 248 -22.88 3.66 -2.41
N THR B 249 -22.01 3.87 -3.39
CA THR B 249 -21.48 5.21 -3.63
C THR B 249 -22.53 6.21 -4.09
N LEU B 250 -23.44 5.76 -4.94
CA LEU B 250 -24.51 6.63 -5.44
C LEU B 250 -25.36 7.07 -4.24
N ILE B 251 -25.65 6.12 -3.37
CA ILE B 251 -26.45 6.38 -2.17
C ILE B 251 -25.75 7.37 -1.23
N ALA B 252 -24.46 7.14 -0.98
CA ALA B 252 -23.67 8.00 -0.11
C ALA B 252 -23.66 9.41 -0.70
N ALA B 253 -23.50 9.51 -2.00
CA ALA B 253 -23.47 10.80 -2.67
C ALA B 253 -24.80 11.56 -2.51
N ALA B 254 -25.90 10.89 -2.86
CA ALA B 254 -27.21 11.52 -2.76
C ALA B 254 -27.62 11.90 -1.34
N ARG B 255 -27.26 11.08 -0.36
CA ARG B 255 -27.62 11.38 1.02
C ARG B 255 -26.93 12.64 1.49
N TRP B 256 -25.84 13.02 0.84
CA TRP B 256 -25.10 14.22 1.21
C TRP B 256 -25.16 15.40 0.25
N GLY B 257 -26.25 15.50 -0.52
CA GLY B 257 -26.38 16.62 -1.43
C GLY B 257 -25.43 16.67 -2.62
N ARG B 258 -24.89 15.53 -3.03
CA ARG B 258 -24.02 15.49 -4.21
C ARG B 258 -24.82 14.78 -5.30
N ARG B 259 -24.50 15.06 -6.56
CA ARG B 259 -25.19 14.42 -7.69
C ARG B 259 -24.54 13.06 -7.97
N ALA B 260 -25.34 12.00 -7.95
CA ALA B 260 -24.82 10.67 -8.18
C ALA B 260 -24.80 10.29 -9.65
N LEU B 261 -23.69 9.70 -10.06
CA LEU B 261 -23.51 9.23 -11.42
C LEU B 261 -22.82 7.87 -11.31
N GLY B 262 -23.36 6.88 -12.01
CA GLY B 262 -22.75 5.56 -11.94
C GLY B 262 -22.89 4.70 -13.19
N VAL B 263 -22.10 3.64 -13.22
CA VAL B 263 -22.12 2.67 -14.31
C VAL B 263 -22.07 1.29 -13.67
N GLU B 264 -22.95 0.40 -14.11
CA GLU B 264 -22.99 -0.96 -13.60
C GLU B 264 -23.15 -1.93 -14.75
N LEU B 265 -22.38 -3.01 -14.73
CA LEU B 265 -22.42 -4.01 -15.79
C LEU B 265 -23.66 -4.86 -15.78
N VAL B 266 -24.03 -5.36 -14.60
CA VAL B 266 -25.18 -6.25 -14.46
C VAL B 266 -26.52 -5.56 -14.22
N PRO B 267 -27.46 -5.70 -15.18
CA PRO B 267 -28.77 -5.09 -15.03
C PRO B 267 -29.48 -5.56 -13.76
N ARG B 268 -29.19 -6.78 -13.34
CA ARG B 268 -29.81 -7.31 -12.13
C ARG B 268 -29.43 -6.42 -10.94
N TYR B 269 -28.14 -6.15 -10.81
CA TYR B 269 -27.60 -5.33 -9.72
C TYR B 269 -28.04 -3.89 -9.82
N ALA B 270 -28.13 -3.36 -11.03
CA ALA B 270 -28.57 -1.99 -11.21
C ALA B 270 -30.00 -1.87 -10.68
N GLN B 271 -30.79 -2.92 -10.87
CA GLN B 271 -32.17 -2.92 -10.40
C GLN B 271 -32.19 -2.98 -8.88
N LEU B 272 -31.23 -3.69 -8.31
CA LEU B 272 -31.13 -3.79 -6.86
C LEU B 272 -30.72 -2.41 -6.36
N ALA B 273 -29.83 -1.78 -7.12
CA ALA B 273 -29.34 -0.45 -6.79
C ALA B 273 -30.49 0.55 -6.70
N LYS B 274 -31.34 0.56 -7.73
CA LYS B 274 -32.49 1.45 -7.77
C LYS B 274 -33.40 1.26 -6.57
N GLU B 275 -33.67 0.01 -6.21
CA GLU B 275 -34.53 -0.32 -5.08
C GLU B 275 -33.87 0.07 -3.75
N ARG B 276 -32.56 -0.19 -3.64
CA ARG B 276 -31.82 0.14 -2.44
C ARG B 276 -31.77 1.64 -2.28
N PHE B 277 -31.44 2.34 -3.37
CA PHE B 277 -31.34 3.78 -3.39
C PHE B 277 -32.61 4.42 -2.85
N ALA B 278 -33.75 4.00 -3.40
CA ALA B 278 -35.04 4.53 -3.00
C ALA B 278 -35.36 4.16 -1.55
N ARG B 279 -34.59 3.22 -1.01
CA ARG B 279 -34.78 2.75 0.35
C ARG B 279 -33.92 3.58 1.30
N GLU B 280 -32.74 3.96 0.83
CA GLU B 280 -31.79 4.73 1.64
C GLU B 280 -31.77 6.23 1.36
N VAL B 281 -32.36 6.67 0.27
CA VAL B 281 -32.34 8.09 -0.07
C VAL B 281 -33.71 8.74 -0.07
N PRO B 282 -34.14 9.25 1.09
CA PRO B 282 -35.45 9.90 1.23
C PRO B 282 -35.67 11.06 0.27
N GLY B 283 -36.81 11.03 -0.43
CA GLY B 283 -37.14 12.10 -1.36
C GLY B 283 -36.56 12.01 -2.75
N PHE B 284 -35.70 11.05 -3.02
CA PHE B 284 -35.10 10.94 -4.35
C PHE B 284 -35.17 9.54 -4.93
N SER B 285 -34.99 9.46 -6.25
CA SER B 285 -35.02 8.19 -6.97
C SER B 285 -33.82 8.06 -7.88
N LEU B 286 -33.39 6.83 -8.10
CA LEU B 286 -32.25 6.61 -8.97
C LEU B 286 -32.76 6.23 -10.35
N GLU B 287 -32.42 7.02 -11.35
CA GLU B 287 -32.84 6.73 -12.71
C GLU B 287 -31.87 5.77 -13.36
N VAL B 288 -32.37 4.60 -13.76
CA VAL B 288 -31.53 3.58 -14.40
C VAL B 288 -31.69 3.63 -15.91
N LEU B 289 -30.60 3.87 -16.61
CA LEU B 289 -30.63 3.95 -18.07
C LEU B 289 -29.97 2.75 -18.71
N ASP B 290 -30.78 1.83 -19.25
CA ASP B 290 -30.26 0.63 -19.91
C ASP B 290 -29.65 1.01 -21.24
N GLY B 291 -28.64 1.88 -21.20
CA GLY B 291 -27.97 2.31 -22.41
C GLY B 291 -28.93 2.86 -23.45
N ALA B 292 -28.91 2.25 -24.63
CA ALA B 292 -29.78 2.66 -25.73
C ALA B 292 -31.25 2.55 -25.34
N THR B 293 -31.79 3.65 -24.82
CA THR B 293 -33.18 3.71 -24.40
C THR B 293 -33.99 4.39 -25.50
N HIS B 294 -34.05 3.75 -26.66
CA HIS B 294 -34.78 4.30 -27.80
C HIS B 294 -36.05 3.54 -28.19
N PRO B 295 -37.09 3.61 -27.34
CA PRO B 295 -38.34 2.90 -27.65
C PRO B 295 -39.26 3.74 -28.54
#